data_6GYG
#
_entry.id   6GYG
#
_cell.length_a   44.278
_cell.length_b   44.278
_cell.length_c   141.166
_cell.angle_alpha   90.00
_cell.angle_beta   90.00
_cell.angle_gamma   90.00
#
_symmetry.space_group_name_H-M   'P 43 21 2'
#
loop_
_entity.id
_entity.type
_entity.pdbx_description
1 polymer 'Transcription regulator Reg576'
2 water water
#
_entity_poly.entity_id   1
_entity_poly.type   'polypeptide(L)'
_entity_poly.pdbx_seq_one_letter_code
;MKKNDFRKNIKLTEPIFNKLKALMKVKDVKQYELIEIILDFYVTNKLSEKEREFFNYQLEELRKEEEEHE
;
_entity_poly.pdbx_strand_id   A,B
#
# COMPACT_ATOMS: atom_id res chain seq x y z
N ARG A 7 9.20 10.53 -8.87
CA ARG A 7 10.65 10.56 -9.24
C ARG A 7 11.44 9.69 -8.22
N LYS A 8 11.40 9.99 -6.93
CA LYS A 8 12.21 9.19 -5.96
C LYS A 8 11.59 7.81 -5.68
N ASN A 9 12.45 6.87 -5.27
CA ASN A 9 11.95 5.56 -4.98
C ASN A 9 11.29 5.72 -3.59
N ILE A 10 10.49 4.73 -3.20
CA ILE A 10 9.91 4.67 -1.85
C ILE A 10 10.66 3.56 -1.10
N LYS A 11 11.19 3.90 0.05
CA LYS A 11 12.03 3.02 0.82
C LYS A 11 11.11 2.29 1.80
N LEU A 12 11.35 1.00 1.96
CA LEU A 12 10.57 0.15 2.80
C LEU A 12 11.54 -0.63 3.69
N THR A 13 11.06 -1.09 4.83
CA THR A 13 11.77 -2.00 5.64
C THR A 13 11.54 -3.36 5.02
N GLU A 14 12.41 -4.30 5.37
CA GLU A 14 12.36 -5.64 4.82
C GLU A 14 11.05 -6.36 5.18
N PRO A 15 10.58 -6.37 6.46
CA PRO A 15 9.28 -6.96 6.76
C PRO A 15 8.16 -6.33 5.92
N ILE A 16 8.20 -5.03 5.61
CA ILE A 16 7.09 -4.42 4.86
C ILE A 16 7.21 -4.82 3.39
N PHE A 17 8.45 -4.82 2.88
CA PHE A 17 8.68 -5.28 1.50
C PHE A 17 8.22 -6.72 1.34
N ASN A 18 8.59 -7.58 2.31
CA ASN A 18 8.15 -8.99 2.29
C ASN A 18 6.60 -9.06 2.21
N LYS A 19 5.89 -8.24 2.97
CA LYS A 19 4.39 -8.36 2.99
C LYS A 19 3.80 -7.92 1.64
N LEU A 20 4.44 -6.95 0.98
CA LEU A 20 4.06 -6.47 -0.38
C LEU A 20 4.33 -7.55 -1.43
N LYS A 21 5.50 -8.20 -1.33
CA LYS A 21 5.86 -9.30 -2.23
C LYS A 21 4.91 -10.49 -2.01
N ALA A 22 4.60 -10.81 -0.76
CA ALA A 22 3.67 -11.90 -0.48
C ALA A 22 2.31 -11.57 -1.08
N LEU A 23 1.85 -10.34 -0.96
CA LEU A 23 0.49 -10.03 -1.45
C LEU A 23 0.50 -9.98 -3.00
N MET A 24 1.66 -9.69 -3.57
CA MET A 24 1.88 -9.73 -4.99
C MET A 24 1.64 -11.14 -5.55
N LYS A 25 2.25 -12.15 -4.94
CA LYS A 25 1.98 -13.54 -5.21
C LYS A 25 0.47 -13.85 -5.18
N VAL A 26 -0.26 -13.32 -4.19
CA VAL A 26 -1.69 -13.72 -4.00
C VAL A 26 -2.59 -13.20 -5.14
N LYS A 27 -2.42 -11.93 -5.50
CA LYS A 27 -3.12 -11.30 -6.59
C LYS A 27 -2.30 -11.55 -7.87
N ASP A 28 -2.71 -10.95 -8.96
CA ASP A 28 -1.97 -11.26 -10.16
C ASP A 28 -1.71 -9.96 -10.90
N VAL A 29 -1.09 -9.01 -10.20
CA VAL A 29 -1.02 -7.66 -10.68
C VAL A 29 0.42 -7.16 -10.59
N LYS A 30 0.72 -6.09 -11.35
CA LYS A 30 2.00 -5.42 -11.17
C LYS A 30 2.04 -4.71 -9.82
N GLN A 31 3.25 -4.44 -9.34
CA GLN A 31 3.57 -3.95 -8.02
C GLN A 31 2.90 -2.61 -7.75
N TYR A 32 3.08 -1.63 -8.65
CA TYR A 32 2.44 -0.33 -8.45
C TYR A 32 0.91 -0.48 -8.58
N GLU A 33 0.40 -1.44 -9.36
CA GLU A 33 -1.09 -1.62 -9.49
C GLU A 33 -1.70 -2.14 -8.19
N LEU A 34 -0.88 -2.93 -7.46
CA LEU A 34 -1.29 -3.50 -6.23
C LEU A 34 -1.45 -2.36 -5.23
N ILE A 35 -0.45 -1.46 -5.18
CA ILE A 35 -0.43 -0.31 -4.28
C ILE A 35 -1.69 0.53 -4.51
N GLU A 36 -2.08 0.73 -5.77
CA GLU A 36 -3.29 1.49 -6.08
C GLU A 36 -4.56 0.81 -5.57
N ILE A 37 -4.67 -0.49 -5.74
CA ILE A 37 -5.84 -1.27 -5.26
C ILE A 37 -5.94 -1.12 -3.73
N ILE A 38 -4.82 -1.25 -3.02
CA ILE A 38 -4.94 -1.26 -1.59
C ILE A 38 -5.16 0.17 -1.05
N LEU A 39 -4.52 1.17 -1.65
CA LEU A 39 -4.78 2.59 -1.40
C LEU A 39 -6.26 2.88 -1.54
N ASP A 40 -6.83 2.54 -2.69
CA ASP A 40 -8.25 2.79 -3.01
C ASP A 40 -9.16 2.09 -1.97
N PHE A 41 -8.81 0.86 -1.61
CA PHE A 41 -9.60 0.14 -0.67
C PHE A 41 -9.57 0.81 0.70
N TYR A 42 -8.41 1.36 1.05
CA TYR A 42 -8.28 2.01 2.36
C TYR A 42 -9.04 3.35 2.36
N VAL A 43 -8.88 4.13 1.30
CA VAL A 43 -9.57 5.40 1.14
C VAL A 43 -11.08 5.16 1.23
N THR A 44 -11.61 4.15 0.55
CA THR A 44 -13.06 3.94 0.44
C THR A 44 -13.68 3.39 1.73
N ASN A 45 -12.91 2.60 2.48
CA ASN A 45 -13.50 1.80 3.52
C ASN A 45 -12.95 2.15 4.90
N LYS A 46 -11.96 3.03 4.99
CA LYS A 46 -11.41 3.34 6.29
C LYS A 46 -11.42 4.83 6.63
N LEU A 47 -11.26 5.74 5.68
CA LEU A 47 -11.34 7.17 6.01
C LEU A 47 -12.77 7.57 6.38
N SER A 48 -12.88 8.53 7.31
CA SER A 48 -14.15 9.24 7.59
C SER A 48 -14.54 10.05 6.35
N GLU A 49 -15.78 10.48 6.31
CA GLU A 49 -16.30 11.37 5.26
C GLU A 49 -15.42 12.62 5.05
N LYS A 50 -15.08 13.30 6.14
CA LYS A 50 -14.32 14.54 6.10
C LYS A 50 -12.86 14.24 5.76
N GLU A 51 -12.31 13.10 6.21
CA GLU A 51 -10.96 12.70 5.83
C GLU A 51 -10.91 12.45 4.34
N ARG A 52 -11.94 11.82 3.79
CA ARG A 52 -11.88 11.50 2.40
C ARG A 52 -12.02 12.75 1.51
N GLU A 53 -12.85 13.69 1.93
CA GLU A 53 -12.99 14.98 1.23
C GLU A 53 -11.64 15.72 1.27
N PHE A 54 -10.93 15.73 2.40
CA PHE A 54 -9.60 16.33 2.42
C PHE A 54 -8.56 15.60 1.55
N PHE A 55 -8.52 14.27 1.59
CA PHE A 55 -7.77 13.44 0.64
C PHE A 55 -8.02 13.86 -0.81
N ASN A 56 -9.30 13.97 -1.20
CA ASN A 56 -9.65 14.32 -2.58
C ASN A 56 -9.10 15.71 -2.93
N TYR A 57 -9.29 16.63 -1.99
CA TYR A 57 -8.77 17.98 -2.09
C TYR A 57 -7.26 17.95 -2.30
N GLN A 58 -6.56 17.21 -1.42
CA GLN A 58 -5.10 17.22 -1.48
C GLN A 58 -4.66 16.62 -2.80
N LEU A 59 -5.35 15.56 -3.24
CA LEU A 59 -5.01 14.88 -4.46
C LEU A 59 -5.17 15.87 -5.65
N GLU A 60 -6.30 16.61 -5.71
CA GLU A 60 -6.48 17.66 -6.76
C GLU A 60 -5.35 18.71 -6.71
N GLU A 61 -4.88 19.12 -5.52
CA GLU A 61 -3.76 20.09 -5.42
C GLU A 61 -2.46 19.50 -6.02
N LEU A 62 -2.17 18.23 -5.78
CA LEU A 62 -0.92 17.63 -6.27
C LEU A 62 -0.93 17.55 -7.79
N ARG A 63 -2.08 17.28 -8.39
CA ARG A 63 -2.20 17.11 -9.84
C ARG A 63 -2.01 18.43 -10.59
N LYS A 64 -2.14 19.58 -9.91
CA LYS A 64 -1.85 20.89 -10.56
C LYS A 64 -0.44 21.40 -10.21
N GLU A 65 0.34 20.60 -9.49
CA GLU A 65 1.65 20.97 -8.98
C GLU A 65 2.73 20.61 -10.03
N PHE B 6 17.70 2.13 3.96
CA PHE B 6 16.70 1.02 3.69
C PHE B 6 17.08 0.34 2.37
N ARG B 7 17.41 -0.94 2.46
CA ARG B 7 17.92 -1.71 1.33
C ARG B 7 16.84 -1.82 0.26
N LYS B 8 15.61 -1.99 0.72
CA LYS B 8 14.50 -2.31 -0.14
C LYS B 8 13.83 -1.01 -0.56
N ASN B 9 13.38 -0.98 -1.81
CA ASN B 9 12.61 0.14 -2.24
C ASN B 9 11.73 -0.26 -3.44
N ILE B 10 10.76 0.59 -3.76
CA ILE B 10 9.87 0.36 -4.85
C ILE B 10 9.72 1.69 -5.62
N LYS B 11 9.32 1.59 -6.87
CA LYS B 11 9.02 2.73 -7.68
C LYS B 11 7.52 2.75 -7.94
N LEU B 12 7.00 3.95 -8.12
CA LEU B 12 5.62 4.14 -8.39
C LEU B 12 5.50 5.10 -9.58
N THR B 13 4.43 4.92 -10.34
CA THR B 13 4.03 5.88 -11.33
C THR B 13 3.56 7.15 -10.65
N GLU B 14 3.53 8.24 -11.41
CA GLU B 14 3.08 9.55 -10.94
C GLU B 14 1.69 9.45 -10.28
N PRO B 15 0.63 8.97 -10.96
CA PRO B 15 -0.72 8.94 -10.38
C PRO B 15 -0.85 8.19 -9.03
N ILE B 16 -0.13 7.09 -8.85
CA ILE B 16 -0.18 6.28 -7.62
C ILE B 16 0.59 7.01 -6.52
N PHE B 17 1.76 7.55 -6.89
CA PHE B 17 2.53 8.33 -5.99
C PHE B 17 1.75 9.56 -5.46
N ASN B 18 1.01 10.24 -6.34
CA ASN B 18 0.16 11.29 -5.93
C ASN B 18 -0.90 10.78 -4.93
N LYS B 19 -1.54 9.66 -5.17
CA LYS B 19 -2.49 9.16 -4.16
C LYS B 19 -1.80 8.82 -2.83
N LEU B 20 -0.60 8.24 -2.87
CA LEU B 20 0.08 7.93 -1.61
C LEU B 20 0.41 9.23 -0.83
N LYS B 21 0.86 10.29 -1.53
CA LYS B 21 1.23 11.60 -0.90
C LYS B 21 0.01 12.29 -0.26
N ALA B 22 -1.12 12.24 -0.96
CA ALA B 22 -2.39 12.79 -0.48
C ALA B 22 -2.89 12.06 0.77
N LEU B 23 -2.76 10.74 0.81
CA LEU B 23 -3.13 9.99 2.01
C LEU B 23 -2.15 10.26 3.15
N MET B 24 -0.86 10.42 2.87
CA MET B 24 0.15 10.86 3.82
C MET B 24 -0.31 12.20 4.44
N LYS B 25 -0.91 13.09 3.66
CA LYS B 25 -1.30 14.40 4.25
C LYS B 25 -2.52 14.23 5.17
N VAL B 26 -3.31 13.19 5.00
CA VAL B 26 -4.51 12.94 5.83
C VAL B 26 -4.11 12.21 7.14
N LYS B 27 -3.18 11.27 7.08
CA LYS B 27 -2.68 10.58 8.27
C LYS B 27 -1.42 11.32 8.71
N ASP B 28 -0.70 10.83 9.70
CA ASP B 28 0.56 11.51 9.98
C ASP B 28 1.60 10.44 10.32
N VAL B 29 2.09 9.79 9.26
CA VAL B 29 2.94 8.65 9.40
C VAL B 29 3.99 8.74 8.29
N LYS B 30 5.07 8.00 8.43
CA LYS B 30 6.05 7.96 7.36
C LYS B 30 5.49 7.09 6.22
N GLN B 31 6.04 7.30 5.01
CA GLN B 31 5.66 6.56 3.84
C GLN B 31 5.59 5.05 4.10
N TYR B 32 6.64 4.48 4.71
CA TYR B 32 6.71 3.04 4.82
C TYR B 32 5.66 2.58 5.84
N GLU B 33 5.41 3.38 6.86
CA GLU B 33 4.33 3.04 7.83
C GLU B 33 2.97 3.06 7.11
N LEU B 34 2.71 4.07 6.25
CA LEU B 34 1.44 4.14 5.58
C LEU B 34 1.27 2.89 4.71
N ILE B 35 2.31 2.51 4.00
CA ILE B 35 2.24 1.33 3.17
C ILE B 35 1.86 0.10 3.98
N GLU B 36 2.47 -0.07 5.14
CA GLU B 36 2.20 -1.18 5.95
C GLU B 36 0.75 -1.17 6.40
N ILE B 37 0.28 -0.02 6.89
CA ILE B 37 -1.10 0.13 7.38
C ILE B 37 -2.11 -0.28 6.29
N ILE B 38 -1.97 0.23 5.06
CA ILE B 38 -2.91 -0.12 4.00
C ILE B 38 -2.72 -1.58 3.53
N LEU B 39 -1.48 -2.13 3.53
CA LEU B 39 -1.32 -3.57 3.31
C LEU B 39 -2.15 -4.39 4.32
N ASP B 40 -1.92 -4.15 5.60
CA ASP B 40 -2.52 -4.96 6.67
C ASP B 40 -4.06 -4.86 6.62
N PHE B 41 -4.58 -3.66 6.31
CA PHE B 41 -5.99 -3.40 6.27
C PHE B 41 -6.59 -4.25 5.14
N TYR B 42 -5.88 -4.31 4.01
CA TYR B 42 -6.39 -5.06 2.87
C TYR B 42 -6.32 -6.58 3.14
N VAL B 43 -5.17 -7.02 3.64
CA VAL B 43 -4.98 -8.42 4.01
C VAL B 43 -6.12 -8.89 4.95
N THR B 44 -6.36 -8.15 6.03
CA THR B 44 -7.37 -8.47 7.03
C THR B 44 -8.79 -8.38 6.48
N ASN B 45 -9.10 -7.45 5.58
CA ASN B 45 -10.49 -7.20 5.22
C ASN B 45 -10.86 -7.63 3.82
N LYS B 46 -9.91 -7.71 2.87
CA LYS B 46 -10.38 -7.95 1.52
C LYS B 46 -10.03 -9.38 1.06
N LEU B 47 -9.03 -10.03 1.64
CA LEU B 47 -8.65 -11.40 1.18
C LEU B 47 -9.66 -12.42 1.73
N SER B 48 -10.09 -13.36 0.89
CA SER B 48 -10.77 -14.57 1.36
C SER B 48 -9.80 -15.36 2.25
N GLU B 49 -10.35 -16.28 3.02
CA GLU B 49 -9.60 -17.19 3.89
C GLU B 49 -8.56 -17.98 3.07
N LYS B 50 -8.91 -18.43 1.85
CA LYS B 50 -7.91 -19.22 1.04
C LYS B 50 -6.75 -18.31 0.54
N GLU B 51 -7.07 -17.10 0.11
CA GLU B 51 -6.02 -16.17 -0.28
C GLU B 51 -5.13 -15.81 0.92
N ARG B 52 -5.75 -15.62 2.09
CA ARG B 52 -5.04 -15.28 3.29
C ARG B 52 -4.05 -16.40 3.65
N GLU B 53 -4.51 -17.67 3.59
CA GLU B 53 -3.63 -18.84 3.80
C GLU B 53 -2.41 -18.83 2.86
N PHE B 54 -2.63 -18.53 1.58
CA PHE B 54 -1.59 -18.48 0.64
C PHE B 54 -0.68 -17.26 0.86
N PHE B 55 -1.21 -16.08 1.19
CA PHE B 55 -0.43 -15.00 1.68
C PHE B 55 0.50 -15.40 2.85
N ASN B 56 -0.03 -16.06 3.90
CA ASN B 56 0.77 -16.42 5.10
C ASN B 56 1.92 -17.40 4.72
N TYR B 57 1.63 -18.34 3.83
CA TYR B 57 2.58 -19.25 3.33
C TYR B 57 3.70 -18.52 2.58
N GLN B 58 3.35 -17.61 1.67
CA GLN B 58 4.39 -16.90 0.94
C GLN B 58 5.29 -16.14 1.94
N LEU B 59 4.67 -15.58 2.97
CA LEU B 59 5.37 -14.78 3.95
C LEU B 59 6.33 -15.69 4.73
N GLU B 60 5.89 -16.89 5.10
CA GLU B 60 6.83 -17.91 5.66
C GLU B 60 7.93 -18.29 4.67
N GLU B 61 7.61 -18.39 3.37
CA GLU B 61 8.60 -18.76 2.32
C GLU B 61 9.63 -17.66 2.10
N LEU B 62 9.20 -16.38 2.14
CA LEU B 62 10.15 -15.26 2.03
C LEU B 62 11.07 -15.22 3.26
N ARG B 63 10.58 -15.64 4.43
CA ARG B 63 11.41 -15.77 5.65
C ARG B 63 12.48 -16.87 5.45
N LYS B 64 12.05 -18.09 5.16
CA LYS B 64 12.98 -19.20 4.86
C LYS B 64 14.10 -18.71 3.91
N GLU B 65 13.69 -18.16 2.76
CA GLU B 65 14.59 -17.77 1.69
C GLU B 65 15.25 -16.43 2.06
N GLU B 66 15.97 -16.41 3.18
CA GLU B 66 16.72 -15.23 3.63
C GLU B 66 18.07 -15.69 4.20
#